data_1HUC
#
_entry.id   1HUC
#
_cell.length_a   86.230
_cell.length_b   34.160
_cell.length_c   85.560
_cell.angle_alpha   90.00
_cell.angle_beta   102.90
_cell.angle_gamma   90.00
#
_symmetry.space_group_name_H-M   'P 1 21 1'
#
loop_
_entity.id
_entity.type
_entity.pdbx_description
1 polymer 'CATHEPSIN B'
2 polymer 'CATHEPSIN B'
3 water water
#
loop_
_entity_poly.entity_id
_entity_poly.type
_entity_poly.pdbx_seq_one_letter_code
_entity_poly.pdbx_strand_id
1 'polypeptide(L)' LPASFDAREQWPQCPTIKEIRDQGSCGSCWAFGAVEAISDRICIHTN A,C
2 'polypeptide(L)'
;VSVEVSAEDLLTCCGSMCGDGCNGGYPAEAWNFWTRKGLVSGGLYESHVGCRPYSIPPCEHHVNGSRPPCTGEGDTPKCS
KICEPGYSPTYKQDKHYGYNSYSVSNSEKDIMAEIYKNGPVEGAFSVYSDFLLYKSGVYQHVTGEMMGGHAIRILGWGVE
NGTPYWLVANSWNTDWGDNGFFKILRGQDHCGIESEVVAGIPRTD
;
B,D
#
# COMPACT_ATOMS: atom_id res chain seq x y z
N LEU A 1 -26.51 -39.63 -4.78
CA LEU A 1 -26.57 -38.18 -5.02
C LEU A 1 -26.25 -38.00 -6.49
N PRO A 2 -26.52 -36.86 -7.18
CA PRO A 2 -26.16 -36.75 -8.58
C PRO A 2 -24.66 -36.77 -8.80
N ALA A 3 -24.25 -36.94 -10.00
CA ALA A 3 -22.85 -37.22 -10.28
C ALA A 3 -22.12 -35.89 -10.48
N SER A 4 -22.90 -34.91 -10.77
CA SER A 4 -22.39 -33.58 -10.69
C SER A 4 -23.44 -32.72 -9.96
N PHE A 5 -23.04 -31.65 -9.27
CA PHE A 5 -23.94 -30.64 -8.63
C PHE A 5 -23.32 -29.24 -8.63
N ASP A 6 -24.17 -28.27 -8.79
CA ASP A 6 -23.71 -26.92 -8.85
C ASP A 6 -24.76 -26.13 -8.15
N ALA A 7 -24.39 -25.54 -7.04
CA ALA A 7 -25.37 -24.84 -6.19
C ALA A 7 -25.99 -23.66 -6.94
N ARG A 8 -25.30 -23.24 -8.01
CA ARG A 8 -25.69 -22.00 -8.68
C ARG A 8 -26.91 -22.26 -9.53
N GLU A 9 -27.07 -23.54 -9.76
CA GLU A 9 -28.13 -24.04 -10.63
C GLU A 9 -29.37 -24.30 -9.82
N GLN A 10 -29.09 -25.06 -8.78
CA GLN A 10 -30.14 -25.57 -7.96
C GLN A 10 -30.90 -24.42 -7.35
N TRP A 11 -30.14 -23.38 -7.06
CA TRP A 11 -30.72 -22.24 -6.32
C TRP A 11 -30.45 -20.95 -7.06
N PRO A 12 -31.02 -20.82 -8.19
CA PRO A 12 -30.63 -19.66 -8.99
C PRO A 12 -31.46 -18.44 -8.58
N GLN A 13 -32.28 -18.60 -7.55
CA GLN A 13 -32.97 -17.50 -6.85
C GLN A 13 -32.13 -16.79 -5.78
N CYS A 14 -30.92 -17.31 -5.49
CA CYS A 14 -29.88 -16.88 -4.51
C CYS A 14 -28.60 -16.43 -5.22
N PRO A 15 -28.62 -15.17 -5.54
CA PRO A 15 -27.57 -14.50 -6.33
C PRO A 15 -26.15 -14.56 -5.75
N THR A 16 -26.08 -14.77 -4.47
CA THR A 16 -24.81 -14.64 -3.82
C THR A 16 -23.97 -15.83 -4.17
N ILE A 17 -24.68 -16.93 -4.53
CA ILE A 17 -23.97 -18.20 -4.79
C ILE A 17 -23.09 -18.06 -6.03
N LYS A 18 -23.54 -17.22 -6.89
CA LYS A 18 -22.68 -16.95 -7.99
C LYS A 18 -21.77 -15.77 -7.72
N GLU A 19 -21.73 -15.16 -6.56
CA GLU A 19 -20.85 -13.98 -6.47
C GLU A 19 -19.44 -14.37 -5.99
N ILE A 20 -18.42 -13.89 -6.68
CA ILE A 20 -17.00 -13.88 -6.30
C ILE A 20 -16.56 -12.50 -5.73
N ARG A 21 -16.08 -12.48 -4.48
CA ARG A 21 -15.52 -11.35 -3.72
C ARG A 21 -13.99 -11.24 -3.86
N ASP A 22 -13.42 -10.18 -3.26
CA ASP A 22 -11.97 -9.82 -3.24
C ASP A 22 -11.35 -9.65 -1.83
N GLN A 23 -10.37 -10.48 -1.46
CA GLN A 23 -9.95 -10.36 -0.04
C GLN A 23 -8.96 -9.20 0.21
N GLY A 24 -8.58 -8.59 -0.91
CA GLY A 24 -7.47 -7.64 -1.16
C GLY A 24 -6.15 -8.18 -0.62
N SER A 25 -5.19 -7.28 -0.25
CA SER A 25 -3.89 -7.60 0.44
C SER A 25 -3.95 -7.72 1.95
N CYS A 26 -4.63 -8.79 2.36
CA CYS A 26 -5.01 -9.15 3.71
C CYS A 26 -5.34 -10.67 3.72
N GLY A 27 -4.81 -11.40 4.67
CA GLY A 27 -5.14 -12.82 4.84
C GLY A 27 -6.46 -13.06 5.56
N SER A 28 -7.50 -12.49 4.97
CA SER A 28 -8.91 -12.60 5.44
C SER A 28 -9.71 -13.82 4.96
N CYS A 29 -9.20 -14.67 4.10
CA CYS A 29 -9.87 -15.85 3.50
C CYS A 29 -10.73 -16.72 4.42
N TRP A 30 -10.34 -16.84 5.68
CA TRP A 30 -11.13 -17.48 6.73
C TRP A 30 -12.52 -16.84 6.92
N ALA A 31 -12.60 -15.53 6.71
CA ALA A 31 -13.83 -14.76 6.96
C ALA A 31 -14.72 -14.85 5.73
N PHE A 32 -14.00 -14.85 4.62
CA PHE A 32 -14.56 -14.88 3.25
C PHE A 32 -15.33 -16.17 2.96
N GLY A 33 -14.69 -17.35 3.15
CA GLY A 33 -15.25 -18.69 3.09
C GLY A 33 -16.52 -18.77 3.91
N ALA A 34 -16.38 -18.46 5.20
CA ALA A 34 -17.48 -18.20 6.15
C ALA A 34 -18.59 -17.23 5.70
N VAL A 35 -18.33 -16.01 5.38
CA VAL A 35 -19.51 -15.13 5.15
C VAL A 35 -20.21 -15.44 3.82
N GLU A 36 -19.42 -15.96 2.87
CA GLU A 36 -19.97 -16.27 1.54
C GLU A 36 -20.85 -17.51 1.63
N ALA A 37 -20.42 -18.52 2.33
CA ALA A 37 -21.29 -19.66 2.54
C ALA A 37 -22.53 -19.28 3.38
N ILE A 38 -22.32 -18.40 4.34
CA ILE A 38 -23.40 -17.95 5.23
C ILE A 38 -24.37 -17.11 4.43
N SER A 39 -23.89 -16.34 3.49
CA SER A 39 -24.87 -15.58 2.72
C SER A 39 -25.76 -16.49 1.90
N ASP A 40 -25.17 -17.51 1.28
CA ASP A 40 -25.85 -18.55 0.48
C ASP A 40 -26.97 -19.17 1.30
N ARG A 41 -26.56 -19.69 2.45
CA ARG A 41 -27.48 -20.48 3.29
C ARG A 41 -28.66 -19.72 3.90
N ILE A 42 -28.50 -18.42 4.01
CA ILE A 42 -29.58 -17.53 4.46
C ILE A 42 -30.69 -17.53 3.43
N CYS A 43 -30.36 -17.57 2.14
CA CYS A 43 -31.34 -17.62 1.07
C CYS A 43 -31.84 -19.05 0.81
N ILE A 44 -30.96 -20.01 0.93
CA ILE A 44 -31.37 -21.38 0.76
C ILE A 44 -32.36 -21.81 1.83
N HIS A 45 -32.11 -21.33 3.00
CA HIS A 45 -32.99 -21.77 4.08
C HIS A 45 -34.14 -20.80 4.33
N THR A 46 -34.32 -19.83 3.45
CA THR A 46 -35.25 -18.73 3.71
C THR A 46 -36.74 -19.00 3.46
N ASN A 47 -37.52 -19.12 4.53
CA ASN A 47 -38.97 -19.36 4.47
C ASN A 47 -39.79 -18.32 3.70
N VAL B 1 -35.48 -13.14 -1.68
CA VAL B 1 -34.81 -12.26 -0.71
C VAL B 1 -33.47 -12.85 -0.28
N SER B 2 -32.50 -11.97 -0.13
CA SER B 2 -31.08 -12.38 -0.08
C SER B 2 -30.22 -11.30 0.63
N VAL B 3 -29.16 -11.69 1.29
CA VAL B 3 -28.25 -10.76 2.01
C VAL B 3 -26.76 -11.04 1.75
N GLU B 4 -26.01 -10.02 1.35
CA GLU B 4 -24.56 -10.11 1.45
C GLU B 4 -24.13 -9.82 2.88
N VAL B 5 -23.75 -10.86 3.61
CA VAL B 5 -23.19 -10.86 4.97
C VAL B 5 -21.73 -10.39 4.90
N SER B 6 -21.41 -9.47 5.85
CA SER B 6 -20.25 -8.58 5.85
C SER B 6 -18.99 -9.31 6.34
N ALA B 7 -17.98 -9.25 5.50
CA ALA B 7 -16.73 -9.89 5.82
C ALA B 7 -16.00 -8.99 6.82
N GLU B 8 -16.29 -7.67 6.69
CA GLU B 8 -15.71 -6.51 7.39
C GLU B 8 -15.98 -6.65 8.89
N ASP B 9 -17.21 -6.94 9.09
CA ASP B 9 -17.77 -7.21 10.38
C ASP B 9 -17.23 -8.46 11.05
N LEU B 10 -17.06 -9.50 10.28
CA LEU B 10 -16.48 -10.66 10.94
C LEU B 10 -14.95 -10.58 11.07
N LEU B 11 -14.30 -10.01 10.04
CA LEU B 11 -12.84 -9.77 10.03
C LEU B 11 -12.43 -8.94 11.27
N THR B 12 -13.17 -7.89 11.55
CA THR B 12 -12.64 -6.82 12.37
C THR B 12 -13.14 -6.93 13.79
N CYS B 13 -14.26 -7.65 13.93
CA CYS B 13 -15.01 -7.73 15.19
C CYS B 13 -14.97 -9.09 15.82
N CYS B 14 -14.36 -10.06 15.21
CA CYS B 14 -14.37 -11.28 16.00
C CYS B 14 -13.35 -11.27 17.17
N GLY B 15 -12.15 -10.81 16.85
CA GLY B 15 -11.11 -10.70 17.86
C GLY B 15 -10.33 -12.01 17.98
N SER B 16 -9.68 -12.14 19.09
CA SER B 16 -8.64 -13.16 19.15
C SER B 16 -9.27 -14.56 19.05
N MET B 17 -10.58 -14.62 19.32
CA MET B 17 -11.33 -15.90 19.26
C MET B 17 -11.28 -16.46 17.83
N CYS B 18 -11.14 -15.57 16.86
CA CYS B 18 -11.07 -16.02 15.48
C CYS B 18 -9.64 -16.06 14.97
N GLY B 19 -8.70 -15.67 15.81
CA GLY B 19 -7.28 -15.66 15.36
C GLY B 19 -6.75 -14.23 15.21
N ASP B 20 -6.08 -13.98 14.16
CA ASP B 20 -5.35 -12.72 14.11
C ASP B 20 -5.70 -11.83 12.92
N GLY B 21 -6.97 -11.60 12.66
CA GLY B 21 -7.27 -10.58 11.63
C GLY B 21 -6.67 -10.88 10.25
N CYS B 22 -6.05 -9.84 9.67
CA CYS B 22 -5.41 -10.00 8.36
C CYS B 22 -4.12 -10.81 8.42
N ASN B 23 -3.80 -11.33 9.55
CA ASN B 23 -2.71 -12.32 9.53
C ASN B 23 -3.20 -13.72 9.92
N GLY B 24 -4.46 -14.01 9.59
CA GLY B 24 -4.96 -15.38 9.63
C GLY B 24 -6.03 -15.67 10.68
N GLY B 25 -6.82 -16.66 10.42
CA GLY B 25 -7.82 -17.00 11.45
C GLY B 25 -8.24 -18.48 11.41
N TYR B 26 -9.30 -18.73 12.18
CA TYR B 26 -9.93 -20.04 12.41
C TYR B 26 -11.38 -20.08 11.94
N PRO B 27 -11.66 -20.61 10.73
CA PRO B 27 -13.03 -20.60 10.16
C PRO B 27 -14.06 -21.28 11.05
N ALA B 28 -13.68 -22.26 11.86
CA ALA B 28 -14.67 -22.83 12.79
C ALA B 28 -15.10 -21.85 13.88
N GLU B 29 -14.14 -20.99 14.30
CA GLU B 29 -14.40 -19.88 15.19
C GLU B 29 -15.21 -18.72 14.59
N ALA B 30 -15.07 -18.57 13.29
CA ALA B 30 -15.84 -17.64 12.47
C ALA B 30 -17.32 -18.06 12.42
N TRP B 31 -17.62 -19.37 12.31
CA TRP B 31 -19.03 -19.83 12.24
C TRP B 31 -19.67 -19.77 13.63
N ASN B 32 -18.89 -20.06 14.65
CA ASN B 32 -19.32 -19.85 16.07
C ASN B 32 -19.46 -18.32 16.44
N PHE B 33 -18.73 -17.38 15.83
CA PHE B 33 -19.03 -15.95 16.05
C PHE B 33 -20.45 -15.59 15.58
N TRP B 34 -20.72 -15.93 14.38
CA TRP B 34 -22.03 -15.73 13.76
C TRP B 34 -23.17 -16.34 14.57
N THR B 35 -22.89 -17.49 15.11
CA THR B 35 -23.95 -18.09 15.92
C THR B 35 -24.12 -17.29 17.22
N ARG B 36 -23.03 -16.72 17.73
CA ARG B 36 -23.12 -16.03 19.02
C ARG B 36 -23.46 -14.54 18.90
N LYS B 37 -22.69 -13.86 18.06
CA LYS B 37 -22.88 -12.41 17.88
C LYS B 37 -23.70 -11.99 16.68
N GLY B 38 -23.69 -12.84 15.66
CA GLY B 38 -24.26 -12.42 14.42
C GLY B 38 -23.30 -11.58 13.61
N LEU B 39 -23.78 -11.31 12.39
CA LEU B 39 -23.07 -10.65 11.29
C LEU B 39 -24.02 -9.77 10.51
N VAL B 40 -23.59 -8.59 10.21
CA VAL B 40 -24.50 -7.55 9.65
C VAL B 40 -24.27 -7.66 8.14
N SER B 41 -25.02 -6.89 7.35
CA SER B 41 -24.75 -6.87 5.94
C SER B 41 -23.51 -6.04 5.57
N GLY B 42 -23.12 -6.15 4.36
CA GLY B 42 -22.09 -5.28 3.90
C GLY B 42 -21.58 -5.81 2.61
N GLY B 43 -21.43 -4.93 1.70
CA GLY B 43 -20.94 -5.31 0.40
C GLY B 43 -19.42 -5.27 0.21
N LEU B 44 -19.16 -5.16 -1.08
CA LEU B 44 -17.86 -5.28 -1.75
C LEU B 44 -17.25 -3.90 -1.57
N TYR B 45 -15.98 -3.79 -1.79
CA TYR B 45 -15.41 -2.48 -1.60
C TYR B 45 -15.99 -1.40 -2.52
N GLU B 46 -16.22 -0.27 -1.82
CA GLU B 46 -16.69 1.00 -2.35
C GLU B 46 -18.16 0.96 -2.85
N SER B 47 -18.80 -0.21 -2.63
CA SER B 47 -20.18 -0.57 -3.09
C SER B 47 -21.23 0.32 -2.43
N HIS B 48 -20.95 0.62 -1.18
CA HIS B 48 -21.86 1.37 -0.34
C HIS B 48 -23.10 0.50 -0.18
N VAL B 49 -22.88 -0.80 -0.28
CA VAL B 49 -23.99 -1.72 0.00
C VAL B 49 -23.78 -2.32 1.37
N GLY B 50 -24.88 -2.20 2.11
CA GLY B 50 -24.99 -2.81 3.43
C GLY B 50 -24.46 -1.94 4.57
N CYS B 51 -24.45 -2.51 5.75
CA CYS B 51 -24.09 -1.85 6.98
C CYS B 51 -22.60 -1.54 6.94
N ARG B 52 -21.84 -2.61 6.80
CA ARG B 52 -20.37 -2.53 6.77
C ARG B 52 -19.79 -3.17 5.50
N PRO B 53 -19.71 -2.41 4.42
CA PRO B 53 -18.85 -2.83 3.29
C PRO B 53 -17.35 -3.12 3.59
N TYR B 54 -16.67 -3.79 2.68
CA TYR B 54 -15.30 -4.25 2.91
C TYR B 54 -14.37 -3.11 2.58
N SER B 55 -13.35 -2.96 3.33
CA SER B 55 -12.72 -1.66 3.27
C SER B 55 -11.35 -1.80 2.66
N ILE B 56 -10.93 -3.04 2.50
CA ILE B 56 -9.66 -3.24 1.86
C ILE B 56 -9.89 -3.34 0.35
N PRO B 57 -9.18 -2.56 -0.42
CA PRO B 57 -9.45 -2.48 -1.85
C PRO B 57 -8.98 -3.71 -2.63
N PRO B 58 -9.55 -3.90 -3.78
CA PRO B 58 -9.13 -5.05 -4.59
C PRO B 58 -7.72 -4.84 -5.15
N CYS B 59 -7.13 -5.96 -5.53
CA CYS B 59 -5.90 -5.94 -6.30
C CYS B 59 -5.82 -7.18 -7.20
N GLU B 60 -4.86 -7.17 -8.13
CA GLU B 60 -4.54 -8.36 -8.89
C GLU B 60 -3.81 -9.38 -8.04
N HIS B 61 -4.36 -10.59 -7.93
CA HIS B 61 -3.66 -11.69 -7.25
C HIS B 61 -3.08 -12.56 -8.35
N HIS B 62 -1.79 -12.36 -8.48
CA HIS B 62 -0.86 -13.19 -9.23
C HIS B 62 -1.24 -13.21 -10.68
N VAL B 63 -2.07 -12.30 -11.12
CA VAL B 63 -2.44 -12.23 -12.54
C VAL B 63 -2.09 -10.85 -13.08
N ASN B 64 -1.95 -10.71 -14.38
CA ASN B 64 -2.02 -9.40 -14.91
C ASN B 64 -3.45 -9.00 -15.18
N GLY B 65 -3.56 -7.70 -15.17
CA GLY B 65 -4.76 -6.96 -14.76
C GLY B 65 -4.44 -5.48 -14.52
N SER B 66 -5.49 -4.67 -14.43
CA SER B 66 -5.53 -3.18 -14.34
C SER B 66 -5.28 -2.67 -12.92
N ARG B 67 -5.72 -3.47 -11.97
CA ARG B 67 -5.63 -3.04 -10.57
C ARG B 67 -4.18 -3.04 -10.16
N PRO B 68 -3.90 -2.40 -9.06
CA PRO B 68 -2.65 -2.62 -8.29
C PRO B 68 -2.42 -4.08 -7.90
N PRO B 69 -1.17 -4.56 -7.99
CA PRO B 69 -0.68 -5.75 -7.28
C PRO B 69 -1.09 -5.78 -5.80
N CYS B 70 -1.30 -6.99 -5.37
CA CYS B 70 -1.51 -7.25 -3.96
C CYS B 70 -0.17 -7.21 -3.19
N THR B 71 -0.19 -6.51 -2.04
CA THR B 71 0.79 -6.49 -0.88
C THR B 71 0.55 -7.70 0.01
N GLY B 72 1.52 -8.02 0.83
CA GLY B 72 1.45 -9.19 1.75
C GLY B 72 0.09 -9.26 2.44
N GLU B 73 0.06 -8.54 3.47
CA GLU B 73 -1.15 -8.50 4.26
C GLU B 73 -1.17 -7.04 4.61
N GLY B 74 -2.08 -6.77 5.44
CA GLY B 74 -2.07 -5.39 5.86
C GLY B 74 -2.58 -5.34 7.28
N ASP B 75 -3.14 -4.19 7.46
CA ASP B 75 -3.63 -3.82 8.75
C ASP B 75 -5.07 -4.27 8.79
N THR B 76 -5.40 -5.08 9.78
CA THR B 76 -6.80 -5.38 10.03
C THR B 76 -7.48 -4.08 10.45
N PRO B 77 -8.48 -3.59 9.72
CA PRO B 77 -9.25 -2.40 10.15
C PRO B 77 -9.97 -2.68 11.46
N LYS B 78 -10.61 -1.70 11.97
CA LYS B 78 -11.05 -2.00 13.29
C LYS B 78 -12.56 -2.20 13.38
N CYS B 79 -12.89 -2.79 14.47
CA CYS B 79 -14.26 -3.08 14.74
C CYS B 79 -14.95 -1.78 15.07
N SER B 80 -15.74 -1.27 14.13
CA SER B 80 -16.73 -0.23 14.42
C SER B 80 -18.11 -0.83 14.45
N LYS B 81 -18.65 -1.01 15.62
CA LYS B 81 -20.08 -1.33 15.68
C LYS B 81 -21.04 -0.18 15.37
N ILE B 82 -21.00 0.28 14.14
CA ILE B 82 -21.98 1.18 13.57
C ILE B 82 -22.03 0.93 12.05
N CYS B 83 -23.15 1.23 11.38
CA CYS B 83 -23.22 1.04 9.88
C CYS B 83 -22.65 2.26 9.18
N GLU B 84 -22.48 2.17 7.90
CA GLU B 84 -22.15 3.41 7.17
C GLU B 84 -23.30 4.47 7.14
N PRO B 85 -22.94 5.78 7.00
CA PRO B 85 -23.92 6.83 6.68
C PRO B 85 -24.76 6.38 5.50
N GLY B 86 -26.05 6.60 5.65
CA GLY B 86 -26.89 6.32 4.48
C GLY B 86 -27.59 4.97 4.55
N TYR B 87 -26.88 3.96 5.05
CA TYR B 87 -27.52 2.73 5.45
C TYR B 87 -28.44 2.88 6.68
N SER B 88 -29.59 2.24 6.65
CA SER B 88 -30.48 2.06 7.81
C SER B 88 -30.94 0.59 7.75
N PRO B 89 -31.17 -0.09 8.84
CA PRO B 89 -31.30 0.46 10.20
C PRO B 89 -29.98 0.39 10.96
N THR B 90 -30.11 0.32 12.25
CA THR B 90 -28.90 0.28 13.05
C THR B 90 -28.15 -1.04 13.03
N TYR B 91 -26.85 -0.95 13.18
CA TYR B 91 -25.93 -2.12 13.21
C TYR B 91 -26.47 -3.31 13.98
N LYS B 92 -26.96 -3.02 15.16
CA LYS B 92 -27.47 -4.08 16.09
C LYS B 92 -28.71 -4.74 15.50
N GLN B 93 -29.37 -3.96 14.72
CA GLN B 93 -30.62 -4.42 14.28
C GLN B 93 -30.58 -4.99 12.85
N ASP B 94 -29.41 -4.83 12.27
CA ASP B 94 -28.91 -5.50 11.05
C ASP B 94 -28.17 -6.81 11.35
N LYS B 95 -28.06 -7.22 12.59
CA LYS B 95 -27.40 -8.52 12.86
C LYS B 95 -28.18 -9.74 12.33
N HIS B 96 -27.47 -10.69 11.76
CA HIS B 96 -28.09 -12.02 11.47
C HIS B 96 -27.30 -13.09 12.17
N TYR B 97 -27.99 -14.00 12.83
CA TYR B 97 -27.32 -15.03 13.65
C TYR B 97 -27.50 -16.45 13.17
N GLY B 98 -26.69 -17.31 13.66
CA GLY B 98 -26.74 -18.67 13.17
C GLY B 98 -27.37 -19.49 14.26
N TYR B 99 -27.96 -20.59 13.86
CA TYR B 99 -28.66 -21.45 14.77
C TYR B 99 -27.54 -22.31 15.35
N ASN B 100 -26.68 -22.70 14.41
CA ASN B 100 -25.65 -23.65 14.80
C ASN B 100 -24.50 -23.84 13.79
N SER B 101 -23.57 -24.64 14.20
CA SER B 101 -22.26 -24.71 13.57
C SER B 101 -21.60 -26.03 13.96
N TYR B 102 -20.90 -26.58 12.98
CA TYR B 102 -20.41 -27.96 12.97
C TYR B 102 -19.36 -28.10 11.86
N SER B 103 -18.55 -29.07 12.14
CA SER B 103 -17.62 -29.82 11.33
C SER B 103 -18.39 -30.83 10.48
N VAL B 104 -17.91 -31.03 9.28
CA VAL B 104 -18.40 -32.08 8.35
C VAL B 104 -17.27 -33.09 8.15
N SER B 105 -17.57 -34.37 8.22
CA SER B 105 -16.53 -35.38 8.17
C SER B 105 -15.74 -35.29 6.89
N ASN B 106 -14.54 -35.75 7.03
CA ASN B 106 -13.58 -35.94 5.97
C ASN B 106 -14.02 -37.18 5.21
N SER B 107 -15.03 -36.98 4.44
CA SER B 107 -15.70 -37.98 3.59
C SER B 107 -16.39 -37.21 2.46
N GLU B 108 -15.89 -37.43 1.26
CA GLU B 108 -16.58 -36.74 0.14
C GLU B 108 -18.08 -37.07 0.08
N LYS B 109 -18.59 -38.19 0.63
CA LYS B 109 -20.01 -38.53 0.51
C LYS B 109 -20.82 -37.66 1.47
N ASP B 110 -20.21 -37.49 2.67
CA ASP B 110 -20.75 -36.67 3.74
C ASP B 110 -20.76 -35.22 3.29
N ILE B 111 -19.75 -34.85 2.50
CA ILE B 111 -19.57 -33.43 2.11
C ILE B 111 -20.45 -33.07 0.93
N MET B 112 -20.69 -34.02 0.05
CA MET B 112 -21.70 -33.98 -1.03
C MET B 112 -23.13 -33.94 -0.46
N ALA B 113 -23.34 -34.71 0.55
CA ALA B 113 -24.59 -34.68 1.29
C ALA B 113 -24.90 -33.35 1.98
N GLU B 114 -23.94 -32.75 2.75
CA GLU B 114 -24.14 -31.39 3.39
C GLU B 114 -24.52 -30.30 2.38
N ILE B 115 -23.71 -30.20 1.33
CA ILE B 115 -23.99 -29.19 0.27
C ILE B 115 -25.37 -29.40 -0.36
N TYR B 116 -25.54 -30.64 -0.77
CA TYR B 116 -26.72 -31.12 -1.44
C TYR B 116 -27.93 -30.76 -0.57
N LYS B 117 -27.87 -31.21 0.70
CA LYS B 117 -28.95 -30.93 1.66
C LYS B 117 -29.13 -29.42 1.95
N ASN B 118 -28.03 -28.73 2.23
CA ASN B 118 -28.09 -27.45 2.94
C ASN B 118 -27.38 -26.30 2.21
N GLY B 119 -26.73 -26.54 1.10
CA GLY B 119 -26.02 -25.44 0.43
C GLY B 119 -24.53 -25.42 0.80
N PRO B 120 -23.83 -24.48 0.18
CA PRO B 120 -22.33 -24.44 0.22
C PRO B 120 -21.69 -24.46 1.60
N VAL B 121 -20.50 -24.99 1.59
CA VAL B 121 -19.74 -25.03 2.84
C VAL B 121 -18.43 -24.18 2.75
N GLU B 122 -17.72 -24.16 3.87
CA GLU B 122 -16.35 -23.69 3.93
C GLU B 122 -15.40 -24.85 4.19
N GLY B 123 -14.37 -24.87 3.38
CA GLY B 123 -13.23 -25.77 3.64
C GLY B 123 -11.95 -24.95 3.57
N ALA B 124 -10.87 -25.68 3.57
CA ALA B 124 -9.53 -25.09 3.49
C ALA B 124 -8.62 -26.16 2.97
N PHE B 125 -7.67 -25.73 2.19
CA PHE B 125 -6.66 -26.58 1.61
C PHE B 125 -5.25 -25.93 1.66
N SER B 126 -4.22 -26.74 1.58
CA SER B 126 -2.84 -26.24 1.40
C SER B 126 -2.61 -25.71 0.00
N VAL B 127 -2.19 -24.50 -0.10
CA VAL B 127 -1.77 -23.94 -1.40
C VAL B 127 -0.29 -24.32 -1.63
N TYR B 128 0.08 -24.68 -2.89
CA TYR B 128 1.48 -24.97 -3.34
C TYR B 128 1.79 -24.09 -4.53
N SER B 129 3.04 -23.86 -4.87
CA SER B 129 3.30 -22.82 -5.89
C SER B 129 2.45 -23.03 -7.16
N ASP B 130 2.16 -24.32 -7.48
CA ASP B 130 1.56 -24.63 -8.83
C ASP B 130 0.10 -24.21 -8.95
N PHE B 131 -0.44 -23.96 -7.78
CA PHE B 131 -1.81 -23.47 -7.66
C PHE B 131 -1.95 -22.12 -8.34
N LEU B 132 -0.98 -21.32 -8.05
CA LEU B 132 -1.20 -19.91 -8.30
C LEU B 132 -1.37 -19.69 -9.78
N LEU B 133 -0.88 -20.68 -10.59
CA LEU B 133 -0.99 -20.74 -12.08
C LEU B 133 -2.33 -21.26 -12.65
N TYR B 134 -3.14 -21.77 -11.75
CA TYR B 134 -4.50 -22.15 -12.06
C TYR B 134 -5.20 -21.11 -12.94
N LYS B 135 -5.39 -21.53 -14.19
CA LYS B 135 -6.33 -20.90 -15.13
C LYS B 135 -7.67 -21.64 -15.41
N SER B 136 -7.67 -23.00 -15.53
CA SER B 136 -8.85 -23.85 -15.88
C SER B 136 -8.64 -25.34 -15.67
N GLY B 137 -9.70 -26.09 -15.82
CA GLY B 137 -9.61 -27.55 -15.68
C GLY B 137 -9.71 -28.02 -14.22
N VAL B 138 -9.14 -29.22 -13.96
CA VAL B 138 -9.16 -29.80 -12.58
C VAL B 138 -7.77 -29.65 -11.92
N TYR B 139 -7.79 -29.17 -10.71
CA TYR B 139 -6.52 -28.81 -10.16
C TYR B 139 -6.05 -30.02 -9.42
N GLN B 140 -4.82 -30.34 -9.84
CA GLN B 140 -3.92 -31.29 -9.21
C GLN B 140 -2.45 -30.87 -9.17
N HIS B 141 -2.10 -30.90 -7.91
CA HIS B 141 -0.81 -30.50 -7.42
C HIS B 141 0.26 -31.51 -7.80
N VAL B 142 1.20 -31.02 -8.57
CA VAL B 142 2.38 -31.79 -8.96
C VAL B 142 3.62 -31.18 -8.31
N THR B 143 3.83 -29.92 -8.56
CA THR B 143 5.11 -29.36 -8.13
C THR B 143 4.94 -28.33 -7.02
N GLY B 144 6.05 -27.77 -6.65
CA GLY B 144 5.97 -26.50 -6.00
C GLY B 144 6.32 -26.66 -4.53
N GLU B 145 6.49 -25.53 -3.88
CA GLU B 145 6.54 -25.57 -2.42
C GLU B 145 5.26 -25.06 -1.75
N MET B 146 5.09 -25.61 -0.57
CA MET B 146 3.99 -25.36 0.35
C MET B 146 3.99 -23.93 0.86
N MET B 147 2.81 -23.38 0.87
CA MET B 147 2.62 -21.98 1.26
C MET B 147 1.53 -21.73 2.31
N GLY B 148 1.11 -22.74 3.01
CA GLY B 148 0.00 -22.60 3.92
C GLY B 148 -1.37 -22.83 3.27
N GLY B 149 -2.30 -22.97 4.20
CA GLY B 149 -3.74 -23.07 4.08
C GLY B 149 -4.40 -21.82 3.49
N HIS B 150 -5.44 -22.12 2.76
CA HIS B 150 -6.33 -21.21 2.06
C HIS B 150 -7.76 -21.67 2.32
N ALA B 151 -8.54 -20.84 3.02
CA ALA B 151 -9.94 -21.20 3.27
C ALA B 151 -10.82 -20.67 2.14
N ILE B 152 -11.67 -21.54 1.68
CA ILE B 152 -12.43 -21.29 0.44
C ILE B 152 -13.95 -21.50 0.67
N ARG B 153 -14.72 -21.31 -0.42
CA ARG B 153 -16.11 -21.87 -0.47
C ARG B 153 -16.30 -23.05 -1.47
N ILE B 154 -16.70 -24.22 -0.98
CA ILE B 154 -16.99 -25.34 -1.89
C ILE B 154 -18.50 -25.42 -2.18
N LEU B 155 -18.85 -25.26 -3.49
CA LEU B 155 -20.26 -25.14 -3.99
C LEU B 155 -20.74 -26.20 -4.99
N GLY B 156 -19.94 -27.21 -5.24
CA GLY B 156 -20.37 -28.39 -5.96
C GLY B 156 -19.22 -29.34 -6.29
N TRP B 157 -19.51 -30.16 -7.28
CA TRP B 157 -18.80 -31.39 -7.70
C TRP B 157 -19.25 -31.86 -9.09
N GLY B 158 -18.46 -32.72 -9.70
CA GLY B 158 -18.63 -33.12 -11.09
C GLY B 158 -17.43 -33.94 -11.52
N VAL B 159 -17.38 -34.23 -12.81
CA VAL B 159 -16.33 -34.99 -13.47
C VAL B 159 -15.91 -34.35 -14.77
N GLU B 160 -14.63 -34.03 -14.83
CA GLU B 160 -14.18 -33.30 -16.01
C GLU B 160 -12.93 -34.02 -16.50
N ASN B 161 -12.92 -34.24 -17.79
CA ASN B 161 -11.87 -35.03 -18.43
C ASN B 161 -11.50 -36.26 -17.61
N GLY B 162 -12.59 -36.90 -17.15
CA GLY B 162 -12.50 -38.17 -16.40
C GLY B 162 -12.14 -37.99 -14.92
N THR B 163 -11.86 -36.73 -14.53
CA THR B 163 -11.42 -36.30 -13.17
C THR B 163 -12.62 -35.77 -12.34
N PRO B 164 -12.85 -36.42 -11.23
CA PRO B 164 -13.90 -35.95 -10.27
C PRO B 164 -13.39 -34.77 -9.44
N TYR B 165 -14.20 -33.76 -9.42
CA TYR B 165 -13.67 -32.53 -8.91
C TYR B 165 -14.52 -31.96 -7.78
N TRP B 166 -14.05 -30.86 -7.17
CA TRP B 166 -14.93 -30.05 -6.32
C TRP B 166 -15.02 -28.71 -7.01
N LEU B 167 -16.16 -28.05 -6.95
CA LEU B 167 -16.30 -26.72 -7.56
C LEU B 167 -16.16 -25.74 -6.40
N VAL B 168 -15.15 -24.86 -6.48
CA VAL B 168 -14.80 -24.00 -5.39
C VAL B 168 -14.78 -22.57 -5.87
N ALA B 169 -15.26 -21.70 -4.98
CA ALA B 169 -15.04 -20.24 -5.12
C ALA B 169 -13.82 -19.76 -4.29
N ASN B 170 -12.96 -19.01 -4.98
CA ASN B 170 -11.79 -18.31 -4.40
C ASN B 170 -12.20 -16.89 -4.02
N SER B 171 -11.34 -16.11 -3.34
CA SER B 171 -11.60 -14.66 -3.04
C SER B 171 -10.51 -13.76 -3.62
N TRP B 172 -10.15 -14.05 -4.86
CA TRP B 172 -9.05 -13.36 -5.51
C TRP B 172 -9.60 -12.58 -6.67
N ASN B 173 -10.88 -12.22 -6.55
CA ASN B 173 -11.63 -11.58 -7.65
C ASN B 173 -11.91 -12.44 -8.91
N THR B 174 -12.49 -11.86 -9.90
CA THR B 174 -13.11 -12.63 -10.97
C THR B 174 -12.11 -12.90 -12.07
N ASP B 175 -10.95 -12.38 -11.89
CA ASP B 175 -9.98 -12.42 -13.00
C ASP B 175 -8.82 -13.34 -12.67
N TRP B 176 -9.00 -14.06 -11.65
CA TRP B 176 -7.99 -15.09 -11.45
C TRP B 176 -8.72 -16.39 -11.81
N GLY B 177 -8.01 -17.42 -12.18
CA GLY B 177 -8.60 -18.76 -12.25
C GLY B 177 -9.66 -18.93 -13.33
N ASP B 178 -10.53 -19.84 -13.03
CA ASP B 178 -11.75 -19.88 -13.84
C ASP B 178 -12.77 -18.77 -13.46
N ASN B 179 -12.60 -17.52 -13.89
CA ASN B 179 -13.46 -16.37 -13.44
C ASN B 179 -13.56 -16.25 -11.94
N GLY B 180 -12.48 -16.67 -11.34
CA GLY B 180 -12.36 -16.63 -9.90
C GLY B 180 -12.91 -17.88 -9.24
N PHE B 181 -13.31 -18.88 -10.01
CA PHE B 181 -13.69 -20.15 -9.38
C PHE B 181 -12.67 -21.17 -9.84
N PHE B 182 -12.70 -22.35 -9.29
CA PHE B 182 -11.72 -23.40 -9.64
C PHE B 182 -12.28 -24.78 -9.28
N LYS B 183 -11.59 -25.77 -9.82
CA LYS B 183 -11.87 -27.19 -9.63
C LYS B 183 -10.65 -27.88 -9.05
N ILE B 184 -10.88 -28.60 -8.02
CA ILE B 184 -9.77 -29.29 -7.44
C ILE B 184 -10.20 -30.74 -7.30
N LEU B 185 -9.26 -31.66 -7.48
CA LEU B 185 -9.46 -33.09 -7.39
C LEU B 185 -10.33 -33.51 -6.20
N ARG B 186 -11.33 -34.37 -6.46
CA ARG B 186 -12.21 -34.92 -5.38
C ARG B 186 -11.95 -36.40 -4.99
N GLY B 187 -12.27 -36.75 -3.77
CA GLY B 187 -12.17 -38.13 -3.33
C GLY B 187 -10.77 -38.60 -2.92
N GLN B 188 -9.77 -37.81 -3.15
CA GLN B 188 -8.52 -38.23 -2.48
C GLN B 188 -8.03 -37.44 -1.26
N ASP B 189 -8.83 -36.54 -0.66
CA ASP B 189 -8.38 -35.54 0.34
C ASP B 189 -7.20 -34.68 -0.14
N HIS B 190 -7.28 -34.43 -1.43
CA HIS B 190 -6.22 -33.73 -2.13
C HIS B 190 -5.94 -32.37 -1.49
N CYS B 191 -4.70 -32.22 -1.07
CA CYS B 191 -4.20 -30.95 -0.51
C CYS B 191 -5.04 -30.61 0.72
N GLY B 192 -5.66 -31.62 1.39
CA GLY B 192 -6.48 -31.44 2.61
C GLY B 192 -7.92 -30.91 2.41
N ILE B 193 -8.32 -30.80 1.18
CA ILE B 193 -9.62 -30.16 0.86
C ILE B 193 -10.80 -30.85 1.56
N GLU B 194 -10.60 -32.06 2.03
CA GLU B 194 -11.74 -32.75 2.58
C GLU B 194 -11.69 -32.82 4.07
N SER B 195 -10.58 -32.36 4.62
CA SER B 195 -10.38 -32.46 6.06
C SER B 195 -10.82 -31.22 6.81
N GLU B 196 -10.96 -30.07 6.18
CA GLU B 196 -11.24 -28.97 7.13
C GLU B 196 -12.58 -28.24 6.96
N VAL B 197 -13.67 -28.96 6.76
CA VAL B 197 -14.93 -28.41 6.24
C VAL B 197 -15.89 -28.16 7.37
N VAL B 198 -16.41 -26.93 7.37
CA VAL B 198 -17.29 -26.54 8.46
C VAL B 198 -18.54 -25.87 7.87
N ALA B 199 -19.68 -26.02 8.55
CA ALA B 199 -20.87 -25.30 8.15
C ALA B 199 -21.86 -25.05 9.30
N GLY B 200 -22.95 -24.46 9.01
CA GLY B 200 -23.88 -24.36 10.10
C GLY B 200 -25.22 -23.95 9.53
N ILE B 201 -26.20 -23.92 10.38
CA ILE B 201 -27.55 -23.54 9.89
C ILE B 201 -28.02 -22.18 10.40
N PRO B 202 -28.58 -21.39 9.50
CA PRO B 202 -29.19 -20.13 9.87
C PRO B 202 -30.26 -20.27 10.94
N ARG B 203 -30.43 -19.20 11.63
CA ARG B 203 -31.46 -19.10 12.65
C ARG B 203 -32.63 -18.40 11.94
N THR B 204 -33.84 -18.99 12.04
CA THR B 204 -35.03 -18.47 11.35
C THR B 204 -36.01 -17.90 12.36
N ASP B 205 -36.94 -17.11 11.85
CA ASP B 205 -38.09 -16.67 12.63
C ASP B 205 -39.36 -16.91 11.83
N LEU C 1 -4.52 20.34 12.80
CA LEU C 1 -3.67 21.24 11.96
C LEU C 1 -4.55 21.96 10.94
N PRO C 2 -4.04 22.92 10.17
CA PRO C 2 -4.80 23.38 8.99
C PRO C 2 -4.99 22.26 7.96
N ALA C 3 -5.96 22.49 7.12
CA ALA C 3 -6.34 21.53 6.08
C ALA C 3 -5.39 21.63 4.89
N SER C 4 -4.72 22.75 4.90
CA SER C 4 -3.78 23.20 3.89
C SER C 4 -2.58 23.92 4.54
N PHE C 5 -1.41 23.75 3.96
CA PHE C 5 -0.16 24.34 4.42
C PHE C 5 0.83 24.38 3.27
N ASP C 6 1.40 25.52 3.01
CA ASP C 6 2.49 25.59 2.02
C ASP C 6 3.62 26.36 2.71
N ALA C 7 4.75 25.68 2.94
CA ALA C 7 5.96 26.27 3.54
C ALA C 7 6.36 27.57 2.84
N ARG C 8 6.09 27.66 1.59
CA ARG C 8 6.58 28.81 0.81
C ARG C 8 5.86 30.08 1.20
N GLU C 9 4.71 29.81 1.76
CA GLU C 9 3.77 30.87 2.05
C GLU C 9 3.85 31.22 3.54
N GLN C 10 3.98 30.22 4.37
CA GLN C 10 4.27 30.44 5.78
C GLN C 10 5.56 31.20 6.02
N TRP C 11 6.58 30.97 5.19
CA TRP C 11 7.90 31.58 5.37
C TRP C 11 8.35 32.36 4.11
N PRO C 12 7.64 33.46 3.80
CA PRO C 12 8.04 34.34 2.69
C PRO C 12 9.48 34.87 2.76
N GLN C 13 10.02 34.95 3.97
CA GLN C 13 11.31 35.57 4.26
C GLN C 13 12.46 34.63 3.97
N CYS C 14 12.08 33.42 3.63
CA CYS C 14 13.04 32.35 3.34
C CYS C 14 13.00 31.89 1.88
N PRO C 15 13.72 32.60 1.02
CA PRO C 15 13.68 32.34 -0.45
C PRO C 15 13.91 30.89 -0.93
N THR C 16 14.69 30.08 -0.18
CA THR C 16 15.12 28.77 -0.63
C THR C 16 13.96 27.79 -0.66
N ILE C 17 12.98 28.03 0.20
CA ILE C 17 11.73 27.24 0.19
C ILE C 17 11.06 27.19 -1.19
N LYS C 18 11.32 28.19 -1.97
CA LYS C 18 10.86 28.29 -3.34
C LYS C 18 11.94 27.83 -4.32
N GLU C 19 13.05 27.33 -3.82
CA GLU C 19 14.15 26.98 -4.74
C GLU C 19 14.16 25.51 -5.20
N ILE C 20 14.12 25.37 -6.53
CA ILE C 20 14.22 24.11 -7.27
C ILE C 20 15.66 23.96 -7.79
N ARG C 21 16.32 22.93 -7.30
CA ARG C 21 17.68 22.63 -7.78
C ARG C 21 17.71 21.55 -8.90
N ASP C 22 18.86 21.24 -9.43
CA ASP C 22 18.97 20.22 -10.52
C ASP C 22 20.04 19.20 -10.18
N GLN C 23 19.60 18.01 -9.87
CA GLN C 23 20.64 17.04 -9.51
C GLN C 23 21.51 16.57 -10.69
N GLY C 24 21.27 17.04 -11.94
CA GLY C 24 22.09 16.63 -13.12
C GLY C 24 21.98 15.11 -13.32
N SER C 25 22.94 14.54 -14.07
CA SER C 25 22.96 13.07 -14.35
C SER C 25 23.78 12.38 -13.27
N CYS C 26 23.17 12.32 -12.12
CA CYS C 26 23.83 11.80 -10.92
C CYS C 26 22.72 11.46 -9.94
N GLY C 27 22.85 10.31 -9.31
CA GLY C 27 21.88 9.85 -8.34
C GLY C 27 22.24 10.40 -6.96
N SER C 28 22.19 11.72 -6.88
CA SER C 28 22.52 12.53 -5.71
C SER C 28 21.26 13.12 -5.10
N CYS C 29 20.15 12.50 -5.36
CA CYS C 29 18.85 12.97 -4.83
C CYS C 29 18.74 12.79 -3.30
N TRP C 30 19.50 11.89 -2.75
CA TRP C 30 19.55 11.78 -1.30
C TRP C 30 20.17 13.07 -0.69
N ALA C 31 21.09 13.71 -1.43
CA ALA C 31 21.91 14.84 -0.98
C ALA C 31 21.06 16.07 -1.24
N PHE C 32 20.44 16.03 -2.37
CA PHE C 32 19.52 17.07 -2.74
C PHE C 32 18.31 17.20 -1.81
N GLY C 33 17.81 16.14 -1.23
CA GLY C 33 16.64 16.35 -0.36
C GLY C 33 17.07 16.97 0.96
N ALA C 34 18.19 16.45 1.45
CA ALA C 34 18.80 16.82 2.74
C ALA C 34 19.24 18.30 2.72
N VAL C 35 20.11 18.71 1.81
CA VAL C 35 20.51 20.13 1.75
C VAL C 35 19.37 21.10 1.44
N GLU C 36 18.30 20.62 0.86
CA GLU C 36 17.28 21.58 0.49
C GLU C 36 16.39 21.83 1.69
N ALA C 37 16.15 20.80 2.46
CA ALA C 37 15.37 20.96 3.69
C ALA C 37 16.20 21.66 4.78
N ILE C 38 17.50 21.37 4.80
CA ILE C 38 18.50 22.02 5.63
C ILE C 38 18.59 23.50 5.31
N SER C 39 18.60 23.88 4.07
CA SER C 39 18.58 25.29 3.77
C SER C 39 17.40 25.99 4.41
N ASP C 40 16.23 25.42 4.17
CA ASP C 40 15.01 26.06 4.67
C ASP C 40 14.99 26.30 6.18
N ARG C 41 15.39 25.28 6.92
CA ARG C 41 15.34 25.19 8.38
C ARG C 41 16.38 26.06 9.13
N ILE C 42 17.52 26.28 8.54
CA ILE C 42 18.46 27.30 8.96
C ILE C 42 17.86 28.70 8.85
N CYS C 43 17.13 28.94 7.83
CA CYS C 43 16.32 30.17 7.82
C CYS C 43 15.15 30.27 8.81
N ILE C 44 14.32 29.28 8.92
CA ILE C 44 13.15 29.27 9.82
C ILE C 44 13.54 29.43 11.30
N HIS C 45 14.62 28.81 11.69
CA HIS C 45 15.01 28.72 13.11
C HIS C 45 16.01 29.81 13.49
N THR C 46 16.17 30.75 12.61
CA THR C 46 16.98 31.86 13.12
C THR C 46 16.10 33.07 13.49
N ASN C 47 16.55 33.86 14.47
CA ASN C 47 16.04 35.18 14.89
C ASN C 47 15.79 36.09 13.68
N VAL D 1 21.15 36.72 7.10
CA VAL D 1 21.80 35.80 6.17
C VAL D 1 20.84 34.69 5.73
N SER D 2 20.83 34.42 4.44
CA SER D 2 20.07 33.27 3.90
C SER D 2 21.06 32.25 3.33
N VAL D 3 21.08 31.01 3.77
CA VAL D 3 22.15 30.16 3.25
C VAL D 3 21.66 29.17 2.21
N GLU D 4 22.37 29.05 1.13
CA GLU D 4 22.13 27.93 0.24
C GLU D 4 23.19 26.87 0.55
N VAL D 5 22.74 25.78 1.21
CA VAL D 5 23.58 24.65 1.60
C VAL D 5 24.11 23.80 0.44
N SER D 6 25.39 23.48 0.50
CA SER D 6 26.10 22.86 -0.60
C SER D 6 25.82 21.35 -0.64
N ALA D 7 25.13 21.02 -1.71
CA ALA D 7 24.80 19.62 -2.06
C ALA D 7 26.06 18.92 -2.54
N GLU D 8 26.90 19.75 -3.22
CA GLU D 8 28.21 19.26 -3.67
C GLU D 8 29.05 18.73 -2.54
N ASP D 9 29.07 19.48 -1.46
CA ASP D 9 29.78 19.14 -0.20
C ASP D 9 29.29 17.81 0.40
N LEU D 10 27.96 17.72 0.43
CA LEU D 10 27.38 16.55 1.06
C LEU D 10 27.72 15.28 0.27
N LEU D 11 27.48 15.34 -1.03
CA LEU D 11 27.72 14.29 -2.05
C LEU D 11 29.15 13.73 -2.07
N THR D 12 30.05 14.64 -2.37
CA THR D 12 31.49 14.35 -2.45
C THR D 12 32.16 14.09 -1.07
N CYS D 13 31.67 14.62 0.04
CA CYS D 13 32.54 14.44 1.21
C CYS D 13 31.91 13.64 2.31
N CYS D 14 30.61 13.32 2.19
CA CYS D 14 30.08 12.32 3.14
C CYS D 14 30.71 10.94 2.93
N GLY D 15 30.80 10.52 1.69
CA GLY D 15 31.42 9.21 1.45
C GLY D 15 30.64 8.04 2.05
N SER D 16 31.24 6.86 1.98
CA SER D 16 30.60 5.55 2.32
C SER D 16 29.59 5.54 3.49
N MET D 17 29.69 6.48 4.46
CA MET D 17 28.73 6.56 5.61
C MET D 17 27.35 6.80 4.99
N CYS D 18 27.29 7.43 3.83
CA CYS D 18 25.99 7.81 3.22
C CYS D 18 25.73 7.05 1.93
N GLY D 19 26.43 5.99 1.69
CA GLY D 19 26.20 5.36 0.40
C GLY D 19 27.32 5.57 -0.61
N ASP D 20 26.86 5.74 -1.83
CA ASP D 20 27.74 5.55 -3.00
C ASP D 20 27.74 6.78 -3.86
N GLY D 21 27.35 7.89 -3.23
CA GLY D 21 27.41 9.17 -3.90
C GLY D 21 26.50 9.26 -5.10
N CYS D 22 27.07 9.14 -6.29
CA CYS D 22 26.23 9.40 -7.49
C CYS D 22 25.42 8.18 -7.94
N ASN D 23 25.55 7.08 -7.23
CA ASN D 23 24.81 5.87 -7.44
C ASN D 23 23.79 5.78 -6.34
N GLY D 24 23.62 6.85 -5.66
CA GLY D 24 22.65 6.71 -4.57
C GLY D 24 23.26 6.57 -3.18
N GLY D 25 22.44 6.82 -2.19
CA GLY D 25 22.96 6.67 -0.84
C GLY D 25 21.86 6.91 0.16
N TYR D 26 22.16 7.00 1.47
CA TYR D 26 21.14 7.00 2.54
C TYR D 26 20.81 8.40 3.08
N PRO D 27 19.59 8.94 2.86
CA PRO D 27 19.21 10.32 3.25
C PRO D 27 19.42 10.59 4.72
N ALA D 28 19.11 9.62 5.56
CA ALA D 28 19.25 9.69 7.02
C ALA D 28 20.72 9.83 7.47
N GLU D 29 21.63 9.28 6.70
CA GLU D 29 23.06 9.42 7.02
C GLU D 29 23.59 10.77 6.56
N ALA D 30 23.01 11.29 5.51
CA ALA D 30 23.17 12.69 5.12
C ALA D 30 22.87 13.65 6.30
N TRP D 31 21.86 13.37 7.08
CA TRP D 31 21.48 14.29 8.14
C TRP D 31 22.42 14.07 9.32
N ASN D 32 22.79 12.82 9.57
CA ASN D 32 23.77 12.57 10.62
C ASN D 32 25.08 13.34 10.36
N PHE D 33 25.42 13.53 9.10
CA PHE D 33 26.71 14.12 8.72
C PHE D 33 26.74 15.64 8.97
N TRP D 34 25.66 16.25 8.59
CA TRP D 34 25.58 17.71 8.74
C TRP D 34 25.75 18.01 10.24
N THR D 35 25.29 17.07 11.00
CA THR D 35 25.22 17.23 12.41
C THR D 35 26.62 16.95 13.00
N ARG D 36 27.46 16.22 12.32
CA ARG D 36 28.78 15.94 12.95
C ARG D 36 29.89 16.75 12.27
N LYS D 37 29.85 16.73 10.96
CA LYS D 37 30.84 17.44 10.16
C LYS D 37 30.37 18.76 9.59
N GLY D 38 29.05 19.03 9.53
CA GLY D 38 28.48 20.29 9.03
C GLY D 38 28.67 20.47 7.54
N LEU D 39 27.93 21.38 6.90
CA LEU D 39 27.99 21.59 5.41
C LEU D 39 28.34 23.03 5.07
N VAL D 40 29.16 23.23 4.03
CA VAL D 40 29.43 24.58 3.55
C VAL D 40 28.27 25.13 2.75
N SER D 41 28.38 26.35 2.32
CA SER D 41 27.39 26.91 1.43
C SER D 41 27.89 26.61 0.02
N GLY D 42 27.01 26.71 -0.94
CA GLY D 42 27.20 26.17 -2.31
C GLY D 42 25.91 26.21 -3.12
N GLY D 43 25.98 27.03 -4.14
CA GLY D 43 24.80 27.25 -5.01
C GLY D 43 24.62 26.28 -6.20
N LEU D 44 23.83 26.78 -7.12
CA LEU D 44 23.59 26.22 -8.48
C LEU D 44 24.84 26.16 -9.38
N TYR D 45 24.74 25.27 -10.35
CA TYR D 45 25.85 25.05 -11.32
C TYR D 45 26.06 26.34 -12.10
N GLU D 46 27.36 26.67 -12.13
CA GLU D 46 27.94 27.87 -12.69
C GLU D 46 27.43 29.16 -12.05
N SER D 47 26.94 29.03 -10.81
CA SER D 47 26.30 30.15 -10.14
C SER D 47 27.35 31.12 -9.61
N HIS D 48 28.53 30.57 -9.29
CA HIS D 48 29.54 31.30 -8.50
C HIS D 48 29.05 31.78 -7.15
N VAL D 49 28.13 31.06 -6.56
CA VAL D 49 27.51 31.37 -5.27
C VAL D 49 27.99 30.31 -4.26
N GLY D 50 28.54 30.80 -3.15
CA GLY D 50 28.88 30.01 -1.97
C GLY D 50 30.25 29.40 -2.14
N CYS D 51 30.57 28.58 -1.17
CA CYS D 51 31.87 27.96 -1.04
C CYS D 51 32.01 26.90 -2.11
N ARG D 52 31.04 25.97 -2.16
CA ARG D 52 30.98 24.88 -3.17
C ARG D 52 29.65 24.78 -3.93
N PRO D 53 29.55 25.49 -5.04
CA PRO D 53 28.46 25.27 -6.03
C PRO D 53 28.40 23.83 -6.60
N TYR D 54 27.33 23.45 -7.25
CA TYR D 54 27.22 22.10 -7.84
C TYR D 54 27.97 21.97 -9.18
N SER D 55 28.81 20.97 -9.26
CA SER D 55 29.74 20.90 -10.41
C SER D 55 29.13 20.16 -11.61
N ILE D 56 27.92 19.65 -11.40
CA ILE D 56 27.31 18.67 -12.32
C ILE D 56 26.22 19.38 -13.06
N PRO D 57 26.51 19.58 -14.33
CA PRO D 57 25.65 20.39 -15.19
C PRO D 57 24.21 19.87 -15.22
N PRO D 58 23.35 20.80 -15.39
CA PRO D 58 21.96 20.47 -15.53
C PRO D 58 21.66 19.89 -16.94
N CYS D 59 20.54 19.17 -16.96
CA CYS D 59 19.95 18.65 -18.21
C CYS D 59 18.44 18.48 -18.09
N GLU D 60 17.86 18.12 -19.20
CA GLU D 60 16.48 17.67 -19.27
C GLU D 60 16.24 16.25 -18.80
N HIS D 61 15.29 16.20 -17.91
CA HIS D 61 14.89 14.97 -17.23
C HIS D 61 13.50 14.54 -17.73
N HIS D 62 13.45 13.79 -18.86
CA HIS D 62 12.20 13.24 -19.47
C HIS D 62 11.32 14.33 -20.02
N VAL D 63 12.00 15.43 -20.36
CA VAL D 63 11.35 16.67 -20.77
C VAL D 63 12.09 17.25 -21.95
N ASN D 64 11.42 18.05 -22.74
CA ASN D 64 12.18 18.65 -23.84
C ASN D 64 12.56 20.10 -23.50
N GLY D 65 13.82 20.52 -23.71
CA GLY D 65 14.17 21.94 -23.50
C GLY D 65 15.54 22.34 -24.10
N SER D 66 15.96 23.57 -23.78
CA SER D 66 17.24 24.24 -24.18
C SER D 66 18.45 23.32 -23.92
N ARG D 67 18.35 22.55 -22.90
CA ARG D 67 19.57 21.93 -22.43
C ARG D 67 19.57 20.41 -22.64
N PRO D 68 20.72 19.77 -22.60
CA PRO D 68 20.79 18.40 -23.14
C PRO D 68 19.89 17.48 -22.33
N PRO D 69 19.62 16.23 -22.80
CA PRO D 69 19.04 15.18 -21.97
C PRO D 69 20.00 14.69 -20.91
N CYS D 70 19.36 14.22 -19.88
CA CYS D 70 20.15 13.55 -18.87
C CYS D 70 20.57 12.18 -19.31
N THR D 71 21.59 11.72 -18.64
CA THR D 71 22.26 10.42 -18.78
C THR D 71 22.00 9.66 -17.48
N GLY D 72 22.90 8.79 -17.21
CA GLY D 72 22.84 7.73 -16.21
C GLY D 72 23.27 8.30 -14.90
N GLU D 73 24.19 7.64 -14.31
CA GLU D 73 24.65 8.16 -13.02
C GLU D 73 25.97 8.74 -13.50
N GLY D 74 26.81 9.04 -12.64
CA GLY D 74 28.12 9.42 -13.14
C GLY D 74 29.22 9.06 -12.14
N ASP D 75 30.16 9.94 -12.41
CA ASP D 75 31.30 10.12 -11.57
C ASP D 75 30.89 11.02 -10.40
N THR D 76 30.97 10.37 -9.26
CA THR D 76 30.88 11.10 -7.98
C THR D 76 32.13 11.97 -7.88
N PRO D 77 31.91 13.24 -7.86
CA PRO D 77 33.03 14.22 -7.90
C PRO D 77 33.97 14.13 -6.67
N LYS D 78 35.17 14.60 -6.77
CA LYS D 78 35.94 14.53 -5.51
C LYS D 78 35.67 15.65 -4.49
N CYS D 79 35.71 15.24 -3.22
CA CYS D 79 35.64 16.14 -2.04
C CYS D 79 36.86 17.05 -2.04
N SER D 80 36.67 18.27 -2.41
CA SER D 80 37.71 19.30 -2.23
C SER D 80 37.35 20.07 -0.95
N LYS D 81 38.21 20.07 0.04
CA LYS D 81 37.98 20.91 1.28
C LYS D 81 38.53 22.33 1.19
N ILE D 82 38.10 23.01 0.17
CA ILE D 82 38.55 24.36 -0.15
C ILE D 82 37.40 25.07 -0.84
N CYS D 83 37.36 26.42 -0.86
CA CYS D 83 36.23 27.08 -1.49
C CYS D 83 36.58 27.50 -2.89
N GLU D 84 35.55 27.91 -3.60
CA GLU D 84 35.81 28.38 -4.94
C GLU D 84 36.59 29.70 -4.86
N PRO D 85 37.55 29.83 -5.74
CA PRO D 85 38.23 31.10 -5.87
C PRO D 85 37.23 32.23 -6.04
N GLY D 86 37.25 33.15 -5.13
CA GLY D 86 36.51 34.42 -5.25
C GLY D 86 35.62 34.59 -4.02
N TYR D 87 35.43 33.45 -3.35
CA TYR D 87 34.63 33.31 -2.11
C TYR D 87 35.49 33.35 -0.83
N SER D 88 34.99 34.07 0.19
CA SER D 88 35.49 34.13 1.59
C SER D 88 34.30 34.00 2.53
N PRO D 89 34.48 33.42 3.69
CA PRO D 89 35.80 33.01 4.19
C PRO D 89 36.27 31.65 3.70
N THR D 90 36.98 30.94 4.56
CA THR D 90 37.38 29.60 4.16
C THR D 90 36.36 28.48 4.43
N TYR D 91 36.72 27.32 3.87
CA TYR D 91 35.93 26.08 3.95
C TYR D 91 35.48 25.65 5.35
N LYS D 92 36.42 25.49 6.24
CA LYS D 92 36.14 25.31 7.68
C LYS D 92 35.27 26.41 8.28
N GLN D 93 35.57 27.64 7.93
CA GLN D 93 34.82 28.69 8.57
C GLN D 93 33.39 28.70 8.05
N ASP D 94 33.22 28.16 6.85
CA ASP D 94 31.94 28.26 6.14
C ASP D 94 30.90 27.18 6.55
N LYS D 95 31.32 26.16 7.29
CA LYS D 95 30.53 25.01 7.66
C LYS D 95 29.37 25.41 8.54
N HIS D 96 28.19 24.87 8.18
CA HIS D 96 26.94 24.92 8.97
C HIS D 96 26.56 23.56 9.56
N TYR D 97 26.30 23.57 10.84
CA TYR D 97 26.21 22.30 11.54
C TYR D 97 24.77 22.12 11.94
N GLY D 98 24.46 20.91 12.25
CA GLY D 98 23.12 20.82 12.80
C GLY D 98 23.18 20.29 14.21
N TYR D 99 22.16 20.62 14.91
CA TYR D 99 21.99 20.12 16.26
C TYR D 99 21.60 18.62 16.34
N ASN D 100 20.50 18.25 15.69
CA ASN D 100 20.23 16.81 15.68
C ASN D 100 19.60 16.33 14.39
N SER D 101 19.38 15.04 14.32
CA SER D 101 18.63 14.53 13.17
C SER D 101 17.93 13.24 13.58
N TYR D 102 16.69 13.18 13.10
CA TYR D 102 15.72 12.15 13.44
C TYR D 102 14.84 11.79 12.26
N SER D 103 14.34 10.61 12.48
CA SER D 103 13.25 10.00 11.73
C SER D 103 11.92 10.44 12.33
N VAL D 104 11.08 10.74 11.37
CA VAL D 104 9.67 11.03 11.54
C VAL D 104 8.84 9.75 11.35
N SER D 105 7.80 9.56 12.15
CA SER D 105 6.93 8.40 12.07
C SER D 105 6.08 8.36 10.79
N ASN D 106 5.70 7.14 10.41
CA ASN D 106 4.88 6.89 9.22
C ASN D 106 3.41 6.97 9.68
N SER D 107 2.93 8.19 9.62
CA SER D 107 1.70 8.71 10.19
C SER D 107 1.62 10.11 9.64
N GLU D 108 0.66 10.38 8.76
CA GLU D 108 0.66 11.62 7.97
C GLU D 108 0.64 12.85 8.90
N LYS D 109 0.14 12.63 10.12
CA LYS D 109 -0.25 13.60 11.16
C LYS D 109 0.96 14.10 11.94
N ASP D 110 1.78 13.12 12.17
CA ASP D 110 3.17 13.36 12.53
C ASP D 110 3.88 14.24 11.53
N ILE D 111 3.69 13.90 10.29
CA ILE D 111 4.63 14.47 9.36
C ILE D 111 4.22 15.90 9.04
N MET D 112 2.94 16.12 9.22
CA MET D 112 2.31 17.40 8.92
C MET D 112 2.62 18.34 10.09
N ALA D 113 2.50 17.76 11.27
CA ALA D 113 2.94 18.40 12.50
C ALA D 113 4.38 18.90 12.45
N GLU D 114 5.31 18.00 12.10
CA GLU D 114 6.76 18.26 11.86
C GLU D 114 7.09 19.34 10.83
N ILE D 115 6.35 19.45 9.77
CA ILE D 115 6.58 20.57 8.82
C ILE D 115 6.00 21.88 9.43
N TYR D 116 4.88 21.69 10.11
CA TYR D 116 4.13 22.85 10.58
C TYR D 116 4.96 23.55 11.65
N LYS D 117 5.58 22.78 12.54
CA LYS D 117 6.50 23.32 13.56
C LYS D 117 7.81 23.81 12.97
N ASN D 118 8.42 22.88 12.24
CA ASN D 118 9.89 22.99 12.03
C ASN D 118 10.28 23.25 10.58
N GLY D 119 9.35 23.13 9.67
CA GLY D 119 9.63 23.31 8.24
C GLY D 119 9.88 22.04 7.45
N PRO D 120 10.21 22.29 6.16
CA PRO D 120 10.32 21.23 5.10
C PRO D 120 11.21 20.07 5.52
N VAL D 121 10.78 18.87 5.14
CA VAL D 121 11.48 17.61 5.42
C VAL D 121 11.94 16.85 4.15
N GLU D 122 12.71 15.84 4.43
CA GLU D 122 13.14 15.01 3.34
C GLU D 122 12.31 13.72 3.44
N GLY D 123 11.83 13.26 2.31
CA GLY D 123 11.26 11.92 2.32
C GLY D 123 11.77 11.14 1.12
N ALA D 124 11.19 9.97 1.00
CA ALA D 124 11.49 9.13 -0.16
C ALA D 124 10.31 8.30 -0.70
N PHE D 125 10.28 8.10 -2.02
CA PHE D 125 9.23 7.27 -2.70
C PHE D 125 9.70 6.31 -3.82
N SER D 126 8.83 5.32 -4.08
CA SER D 126 8.95 4.46 -5.32
C SER D 126 8.47 5.22 -6.55
N VAL D 127 9.41 5.44 -7.47
CA VAL D 127 9.14 6.06 -8.79
C VAL D 127 8.66 5.01 -9.81
N TYR D 128 7.55 5.26 -10.50
CA TYR D 128 7.08 4.34 -11.58
C TYR D 128 7.01 5.06 -12.90
N SER D 129 6.93 4.31 -13.93
CA SER D 129 6.96 4.89 -15.30
C SER D 129 6.00 6.05 -15.45
N ASP D 130 4.83 5.89 -14.83
CA ASP D 130 3.83 6.94 -15.10
C ASP D 130 4.08 8.31 -14.43
N PHE D 131 4.90 8.30 -13.38
CA PHE D 131 5.36 9.52 -12.70
C PHE D 131 6.18 10.44 -13.66
N LEU D 132 7.01 9.86 -14.52
CA LEU D 132 7.94 10.67 -15.32
C LEU D 132 7.30 11.69 -16.20
N LEU D 133 6.03 11.49 -16.40
CA LEU D 133 5.20 12.27 -17.29
C LEU D 133 4.39 13.33 -16.56
N TYR D 134 4.43 13.34 -15.23
CA TYR D 134 3.73 14.31 -14.38
C TYR D 134 3.85 15.79 -14.86
N LYS D 135 2.73 16.51 -14.87
CA LYS D 135 2.56 17.93 -15.23
C LYS D 135 1.78 18.69 -14.16
N SER D 136 0.78 18.11 -13.60
CA SER D 136 -0.11 18.94 -12.76
C SER D 136 -1.04 18.04 -12.01
N GLY D 137 -1.81 18.58 -11.09
CA GLY D 137 -2.78 17.83 -10.28
C GLY D 137 -2.16 16.90 -9.22
N VAL D 138 -3.00 15.98 -8.69
CA VAL D 138 -2.48 15.03 -7.67
C VAL D 138 -2.04 13.73 -8.34
N TYR D 139 -0.76 13.41 -8.30
CA TYR D 139 -0.27 12.13 -8.83
C TYR D 139 -0.71 10.94 -7.94
N GLN D 140 -1.20 9.87 -8.61
CA GLN D 140 -1.18 8.48 -8.08
C GLN D 140 -0.78 7.52 -9.18
N HIS D 141 -0.04 6.54 -8.79
CA HIS D 141 0.43 5.46 -9.68
C HIS D 141 -0.68 4.53 -10.17
N VAL D 142 -0.73 4.38 -11.49
CA VAL D 142 -1.66 3.45 -12.10
C VAL D 142 -0.93 2.32 -12.83
N THR D 143 -0.19 2.67 -13.82
CA THR D 143 0.60 1.79 -14.68
C THR D 143 2.07 2.11 -14.46
N GLY D 144 2.92 1.32 -15.04
CA GLY D 144 4.34 1.60 -15.30
C GLY D 144 5.29 0.77 -14.43
N GLU D 145 6.48 0.53 -14.95
CA GLU D 145 7.58 -0.15 -14.26
C GLU D 145 8.04 0.66 -13.04
N MET D 146 8.38 -0.07 -12.04
CA MET D 146 9.11 0.34 -10.84
C MET D 146 10.52 0.84 -11.24
N MET D 147 10.92 2.03 -10.80
CA MET D 147 12.22 2.60 -11.22
C MET D 147 13.16 2.93 -10.06
N GLY D 148 12.64 2.68 -8.88
CA GLY D 148 13.37 2.77 -7.63
C GLY D 148 12.90 3.95 -6.79
N GLY D 149 13.65 4.17 -5.70
CA GLY D 149 13.47 5.21 -4.68
C GLY D 149 14.09 6.56 -5.11
N HIS D 150 13.27 7.59 -4.98
CA HIS D 150 13.67 8.98 -5.19
C HIS D 150 13.59 9.63 -3.82
N ALA D 151 14.64 10.31 -3.32
CA ALA D 151 14.54 11.24 -2.17
C ALA D 151 14.18 12.63 -2.67
N ILE D 152 13.35 13.24 -1.88
CA ILE D 152 12.75 14.51 -2.29
C ILE D 152 12.58 15.42 -1.07
N ARG D 153 12.00 16.62 -1.30
CA ARG D 153 11.58 17.57 -0.21
C ARG D 153 10.07 17.77 -0.13
N ILE D 154 9.54 17.43 1.03
CA ILE D 154 8.13 17.70 1.26
C ILE D 154 7.95 18.97 2.11
N LEU D 155 7.10 19.85 1.66
CA LEU D 155 6.94 21.21 2.19
C LEU D 155 5.46 21.58 2.40
N GLY D 156 4.64 20.57 2.52
CA GLY D 156 3.24 20.96 2.67
C GLY D 156 2.22 19.95 2.14
N TRP D 157 1.00 20.46 2.13
CA TRP D 157 -0.19 19.62 2.12
C TRP D 157 -1.45 20.40 1.76
N GLY D 158 -2.42 19.62 1.27
CA GLY D 158 -3.64 20.12 0.66
C GLY D 158 -4.65 19.02 0.33
N VAL D 159 -5.71 19.47 -0.26
CA VAL D 159 -6.80 18.60 -0.71
C VAL D 159 -7.19 19.18 -2.05
N GLU D 160 -7.26 18.34 -3.05
CA GLU D 160 -7.60 18.81 -4.36
C GLU D 160 -8.66 17.84 -4.88
N ASN D 161 -9.84 18.37 -5.06
CA ASN D 161 -11.03 17.66 -5.54
C ASN D 161 -11.27 16.50 -4.62
N GLY D 162 -11.24 16.78 -3.33
CA GLY D 162 -11.36 15.66 -2.36
C GLY D 162 -10.18 14.67 -2.25
N THR D 163 -9.15 14.73 -3.13
CA THR D 163 -7.88 14.00 -2.91
C THR D 163 -6.92 14.81 -2.01
N PRO D 164 -6.65 14.30 -0.83
CA PRO D 164 -5.45 14.72 -0.05
C PRO D 164 -4.17 14.54 -0.83
N TYR D 165 -3.29 15.53 -0.71
CA TYR D 165 -1.95 15.45 -1.28
C TYR D 165 -0.86 15.95 -0.33
N TRP D 166 0.36 15.75 -0.79
CA TRP D 166 1.64 16.23 -0.25
C TRP D 166 2.24 17.01 -1.38
N LEU D 167 2.78 18.19 -1.03
CA LEU D 167 3.42 19.19 -1.90
C LEU D 167 4.94 19.06 -1.74
N VAL D 168 5.50 18.77 -2.88
CA VAL D 168 6.80 18.17 -2.93
C VAL D 168 7.56 18.87 -4.03
N ALA D 169 8.83 19.08 -3.72
CA ALA D 169 9.82 19.60 -4.69
C ALA D 169 10.73 18.47 -5.15
N ASN D 170 11.05 18.50 -6.44
CA ASN D 170 11.97 17.54 -7.07
C ASN D 170 13.27 18.26 -7.41
N SER D 171 14.30 17.53 -7.74
CA SER D 171 15.53 18.11 -8.29
C SER D 171 15.73 17.75 -9.77
N TRP D 172 14.71 18.00 -10.58
CA TRP D 172 14.77 17.77 -12.03
C TRP D 172 14.54 19.08 -12.76
N ASN D 173 14.84 20.15 -12.01
CA ASN D 173 14.82 21.54 -12.51
C ASN D 173 13.37 21.94 -12.75
N THR D 174 13.21 23.15 -13.23
CA THR D 174 11.90 23.84 -13.13
C THR D 174 10.97 23.59 -14.33
N ASP D 175 11.48 22.87 -15.29
CA ASP D 175 10.79 22.55 -16.54
C ASP D 175 10.21 21.15 -16.50
N TRP D 176 10.50 20.52 -15.42
CA TRP D 176 9.74 19.34 -15.08
C TRP D 176 8.56 19.72 -14.18
N GLY D 177 7.60 18.83 -14.16
CA GLY D 177 6.42 18.80 -13.24
C GLY D 177 5.58 20.06 -13.29
N ASP D 178 5.32 20.49 -12.06
CA ASP D 178 4.67 21.78 -11.79
C ASP D 178 5.72 22.86 -11.45
N ASN D 179 6.52 23.22 -12.44
CA ASN D 179 7.70 24.06 -12.21
C ASN D 179 8.66 23.41 -11.19
N GLY D 180 8.80 22.12 -11.30
CA GLY D 180 9.74 21.36 -10.44
C GLY D 180 9.03 20.73 -9.23
N PHE D 181 7.79 21.22 -9.00
CA PHE D 181 6.96 20.72 -7.88
C PHE D 181 6.09 19.61 -8.40
N PHE D 182 5.62 18.84 -7.46
CA PHE D 182 4.53 17.89 -7.67
C PHE D 182 3.66 17.77 -6.41
N LYS D 183 2.43 17.27 -6.61
CA LYS D 183 1.61 16.68 -5.53
C LYS D 183 1.41 15.17 -5.71
N ILE D 184 1.37 14.49 -4.61
CA ILE D 184 1.26 13.04 -4.61
C ILE D 184 0.26 12.67 -3.52
N LEU D 185 -0.58 11.69 -3.77
CA LEU D 185 -1.57 11.27 -2.78
C LEU D 185 -1.01 11.14 -1.35
N ARG D 186 -1.79 11.66 -0.41
CA ARG D 186 -1.49 11.69 1.03
C ARG D 186 -2.46 10.76 1.77
N GLY D 187 -1.96 10.10 2.79
CA GLY D 187 -2.89 9.32 3.63
C GLY D 187 -2.71 7.81 3.52
N GLN D 188 -2.26 7.36 2.36
CA GLN D 188 -2.20 5.93 1.96
C GLN D 188 -0.81 5.31 2.17
N ASP D 189 0.23 6.13 2.31
CA ASP D 189 1.68 5.74 2.29
C ASP D 189 2.05 5.44 0.85
N HIS D 190 1.34 6.13 0.02
CA HIS D 190 1.34 5.81 -1.38
C HIS D 190 2.75 5.93 -2.00
N CYS D 191 3.20 4.82 -2.51
CA CYS D 191 4.57 4.50 -3.05
C CYS D 191 5.64 4.79 -2.01
N GLY D 192 5.26 4.58 -0.74
CA GLY D 192 6.09 4.79 0.48
C GLY D 192 6.50 6.24 0.82
N ILE D 193 5.76 7.22 0.39
CA ILE D 193 5.98 8.62 0.67
C ILE D 193 6.10 8.91 2.18
N GLU D 194 5.45 8.16 3.02
CA GLU D 194 5.31 8.58 4.43
C GLU D 194 6.19 7.68 5.25
N SER D 195 6.94 6.90 4.54
CA SER D 195 7.59 5.87 5.31
C SER D 195 9.07 6.20 5.48
N GLU D 196 9.52 7.16 4.77
CA GLU D 196 10.93 7.49 5.03
C GLU D 196 11.27 8.97 5.24
N VAL D 197 10.67 9.51 6.28
CA VAL D 197 10.86 10.93 6.49
C VAL D 197 11.85 11.19 7.62
N VAL D 198 12.74 12.05 7.27
CA VAL D 198 13.92 12.29 8.06
C VAL D 198 14.19 13.78 8.03
N ALA D 199 14.47 14.29 9.22
CA ALA D 199 14.75 15.74 9.39
C ALA D 199 15.52 15.99 10.68
N GLY D 200 15.71 17.22 11.05
CA GLY D 200 16.75 17.61 12.02
C GLY D 200 16.67 19.09 12.38
N ILE D 201 17.29 19.42 13.53
CA ILE D 201 17.31 20.83 13.99
C ILE D 201 18.68 21.45 13.74
N PRO D 202 18.69 22.63 13.10
CA PRO D 202 19.96 23.29 12.78
C PRO D 202 20.61 23.83 14.06
N ARG D 203 21.95 23.94 14.07
CA ARG D 203 22.61 24.40 15.31
C ARG D 203 22.37 25.89 15.47
N THR D 204 21.57 26.27 16.42
CA THR D 204 21.29 27.70 16.61
C THR D 204 21.66 28.19 18.00
N ASP D 205 22.11 29.43 18.04
CA ASP D 205 22.36 30.13 19.31
C ASP D 205 21.68 31.50 19.29
#